data_3KKQ
#
_entry.id   3KKQ
#
_cell.length_a   64.947
_cell.length_b   70.754
_cell.length_c   43.445
_cell.angle_alpha   90.00
_cell.angle_beta   90.00
_cell.angle_gamma   90.00
#
_symmetry.space_group_name_H-M   'P 21 21 2'
#
loop_
_entity.id
_entity.type
_entity.pdbx_description
1 polymer 'Ras-related protein M-Ras'
2 non-polymer "GUANOSINE-5'-DIPHOSPHATE"
3 non-polymer 'MAGNESIUM ION'
4 water water
#
_entity_poly.entity_id   1
_entity_poly.type   'polypeptide(L)'
_entity_poly.pdbx_seq_one_letter_code
;GPLGSMATSAVPSENLPTYKLVVVGDGGVGKSALTIQFFQKIFVDDYDPTIEDSYLKHTEIDNQWAILDVLDTAGQEEFS
AMREQYMRTGDGFLIVYSVTDKASFEHVDRFHQLILRVKDRESFPMILVANKVDLMHLRKVTRDQGKEMATKYNIPYIET
SAKDPPLNVDKTFHDLVRVIRQQ
;
_entity_poly.pdbx_strand_id   A
#
# COMPACT_ATOMS: atom_id res chain seq x y z
N GLU A 14 -19.97 -16.05 15.23
CA GLU A 14 -18.66 -15.80 14.55
C GLU A 14 -17.98 -14.53 15.06
N ASN A 15 -16.65 -14.56 15.10
CA ASN A 15 -15.87 -13.39 15.43
C ASN A 15 -15.20 -12.85 14.18
N LEU A 16 -15.79 -11.80 13.61
CA LEU A 16 -15.31 -11.24 12.35
C LEU A 16 -14.21 -10.22 12.62
N PRO A 17 -12.98 -10.48 12.10
CA PRO A 17 -11.86 -9.61 12.40
C PRO A 17 -11.84 -8.35 11.52
N THR A 18 -11.23 -7.31 12.04
CA THR A 18 -10.88 -6.13 11.26
C THR A 18 -9.39 -6.18 10.93
N TYR A 19 -9.06 -5.94 9.67
CA TYR A 19 -7.70 -5.74 9.24
C TYR A 19 -7.53 -4.27 8.89
N LYS A 20 -6.72 -3.59 9.68
CA LYS A 20 -6.45 -2.18 9.50
C LYS A 20 -5.21 -2.05 8.64
N LEU A 21 -5.40 -1.52 7.43
CA LEU A 21 -4.35 -1.48 6.42
C LEU A 21 -3.99 -0.04 6.13
N VAL A 22 -2.69 0.23 6.03
CA VAL A 22 -2.23 1.59 5.84
C VAL A 22 -1.41 1.66 4.56
N VAL A 23 -1.77 2.59 3.69
CA VAL A 23 -1.12 2.74 2.38
C VAL A 23 -0.16 3.92 2.50
N VAL A 24 1.13 3.64 2.37
CA VAL A 24 2.19 4.64 2.54
C VAL A 24 3.09 4.70 1.31
N GLY A 25 3.82 5.81 1.18
CA GLY A 25 4.70 6.02 0.05
C GLY A 25 4.77 7.49 -0.27
N ASP A 26 5.76 7.87 -1.07
CA ASP A 26 5.91 9.27 -1.49
C ASP A 26 4.68 9.81 -2.22
N GLY A 27 4.54 11.12 -2.23
CA GLY A 27 3.52 11.77 -3.03
C GLY A 27 3.64 11.40 -4.50
N GLY A 28 2.49 11.18 -5.13
CA GLY A 28 2.44 10.98 -6.58
C GLY A 28 2.64 9.55 -7.05
N VAL A 29 2.83 8.61 -6.13
CA VAL A 29 3.12 7.23 -6.53
C VAL A 29 1.89 6.44 -6.95
N GLY A 30 0.71 6.88 -6.51
CA GLY A 30 -0.54 6.22 -6.84
C GLY A 30 -1.31 5.63 -5.67
N LYS A 31 -1.03 6.08 -4.45
CA LYS A 31 -1.73 5.58 -3.27
C LYS A 31 -3.24 5.79 -3.38
N SER A 32 -3.64 7.01 -3.73
CA SER A 32 -5.06 7.32 -3.84
C SER A 32 -5.71 6.59 -5.00
N ALA A 33 -5.06 6.59 -6.15
CA ALA A 33 -5.59 5.89 -7.32
C ALA A 33 -5.76 4.40 -7.05
N LEU A 34 -4.80 3.78 -6.39
CA LEU A 34 -4.93 2.36 -6.06
C LEU A 34 -6.07 2.11 -5.08
N THR A 35 -6.17 2.95 -4.06
CA THR A 35 -7.17 2.76 -3.03
C THR A 35 -8.58 2.98 -3.59
N ILE A 36 -8.75 4.01 -4.40
CA ILE A 36 -10.03 4.31 -5.03
C ILE A 36 -10.41 3.22 -6.04
N GLN A 37 -9.43 2.72 -6.80
CA GLN A 37 -9.67 1.59 -7.69
C GLN A 37 -10.19 0.39 -6.90
N PHE A 38 -9.57 0.11 -5.75
CA PHE A 38 -9.97 -1.02 -4.92
C PHE A 38 -11.41 -0.89 -4.41
N PHE A 39 -11.74 0.27 -3.84
CA PHE A 39 -13.05 0.48 -3.24
C PHE A 39 -14.16 0.90 -4.21
N GLN A 40 -13.82 1.65 -5.25
CA GLN A 40 -14.82 2.22 -6.15
C GLN A 40 -14.77 1.73 -7.60
N LYS A 41 -13.73 0.97 -7.94
CA LYS A 41 -13.54 0.39 -9.28
C LYS A 41 -13.56 1.44 -10.40
N ILE A 42 -12.96 2.60 -10.10
CA ILE A 42 -12.77 3.67 -11.08
C ILE A 42 -11.33 4.20 -10.94
N PHE A 43 -10.77 4.69 -12.05
CA PHE A 43 -9.47 5.35 -12.03
C PHE A 43 -9.68 6.85 -11.92
N VAL A 44 -9.18 7.43 -10.82
CA VAL A 44 -9.25 8.87 -10.60
C VAL A 44 -7.84 9.44 -10.78
N ASP A 45 -7.69 10.35 -11.72
CA ASP A 45 -6.36 10.82 -12.11
C ASP A 45 -5.96 12.18 -11.54
N ASP A 46 -6.85 12.80 -10.78
CA ASP A 46 -6.61 14.15 -10.27
C ASP A 46 -6.94 14.31 -8.79
N TYR A 47 -6.79 13.23 -8.04
CA TYR A 47 -7.15 13.24 -6.63
C TYR A 47 -6.18 14.14 -5.87
N ASP A 48 -6.74 15.10 -5.15
CA ASP A 48 -5.95 16.10 -4.42
C ASP A 48 -4.81 15.41 -3.68
N PRO A 49 -3.56 15.80 -4.00
CA PRO A 49 -2.39 15.16 -3.38
C PRO A 49 -2.34 15.25 -1.86
N THR A 50 -3.07 16.20 -1.28
CA THR A 50 -2.98 16.43 0.16
C THR A 50 -4.12 15.85 0.98
N ILE A 51 -5.12 15.29 0.30
CA ILE A 51 -6.32 14.79 1.00
C ILE A 51 -6.16 13.33 1.43
N GLU A 52 -6.36 13.12 2.72
CA GLU A 52 -6.27 11.80 3.35
C GLU A 52 -7.68 11.32 3.64
N ASP A 53 -7.96 10.08 3.25
CA ASP A 53 -9.27 9.46 3.51
C ASP A 53 -9.08 8.06 4.05
N SER A 54 -10.05 7.61 4.83
CA SER A 54 -10.12 6.21 5.21
C SER A 54 -11.39 5.58 4.63
N TYR A 55 -11.35 4.26 4.51
CA TYR A 55 -12.38 3.47 3.87
C TYR A 55 -12.65 2.26 4.75
N LEU A 56 -13.91 1.87 4.89
CA LEU A 56 -14.24 0.72 5.72
C LEU A 56 -15.29 -0.12 5.00
N LYS A 57 -15.01 -1.41 4.86
CA LYS A 57 -16.00 -2.30 4.26
C LYS A 57 -15.81 -3.75 4.68
N HIS A 58 -16.93 -4.46 4.80
CA HIS A 58 -16.91 -5.92 4.91
C HIS A 58 -16.59 -6.48 3.54
N THR A 59 -15.69 -7.46 3.50
CA THR A 59 -15.39 -8.15 2.25
C THR A 59 -14.90 -9.55 2.53
N GLU A 60 -15.02 -10.40 1.52
CA GLU A 60 -14.65 -11.80 1.66
C GLU A 60 -13.37 -12.04 0.90
N ILE A 61 -12.37 -12.59 1.60
CA ILE A 61 -11.07 -12.90 1.02
C ILE A 61 -10.78 -14.37 1.32
N ASP A 62 -10.55 -15.15 0.25
CA ASP A 62 -10.36 -16.60 0.37
C ASP A 62 -11.46 -17.23 1.23
N ASN A 63 -12.70 -16.83 0.95
CA ASN A 63 -13.89 -17.44 1.53
C ASN A 63 -13.98 -17.25 3.05
N GLN A 64 -13.37 -16.17 3.51
CA GLN A 64 -13.42 -15.76 4.90
C GLN A 64 -13.72 -14.27 4.97
N TRP A 65 -14.78 -13.93 5.70
CA TRP A 65 -15.20 -12.54 5.82
C TRP A 65 -14.35 -11.76 6.80
N ALA A 66 -14.13 -10.49 6.46
CA ALA A 66 -13.39 -9.58 7.31
C ALA A 66 -13.89 -8.17 7.06
N ILE A 67 -13.55 -7.27 7.97
CA ILE A 67 -13.72 -5.84 7.77
C ILE A 67 -12.35 -5.28 7.43
N LEU A 68 -12.27 -4.54 6.32
CA LEU A 68 -11.04 -3.83 5.98
C LEU A 68 -11.23 -2.37 6.35
N ASP A 69 -10.27 -1.83 7.09
CA ASP A 69 -10.26 -0.43 7.49
C ASP A 69 -8.96 0.13 6.93
N VAL A 70 -9.07 0.91 5.87
CA VAL A 70 -7.89 1.31 5.08
C VAL A 70 -7.67 2.81 5.14
N LEU A 71 -6.46 3.21 5.49
CA LEU A 71 -6.07 4.62 5.41
C LEU A 71 -5.20 4.88 4.18
N ASP A 72 -5.66 5.79 3.34
CA ASP A 72 -4.91 6.31 2.21
C ASP A 72 -4.15 7.54 2.73
N THR A 73 -2.88 7.38 3.08
CA THR A 73 -2.14 8.49 3.68
C THR A 73 -1.83 9.58 2.66
N ALA A 74 -1.79 10.81 3.12
CA ALA A 74 -1.50 11.96 2.27
C ALA A 74 -1.03 13.13 3.11
N GLY A 75 -0.14 13.92 2.53
CA GLY A 75 0.37 15.12 3.16
C GLY A 75 1.18 14.85 4.41
N GLN A 76 1.32 15.89 5.22
CA GLN A 76 2.21 15.88 6.35
C GLN A 76 1.58 15.17 7.55
N GLU A 77 2.35 14.31 8.22
CA GLU A 77 1.86 13.62 9.43
C GLU A 77 1.40 14.62 10.49
N GLU A 78 2.10 15.75 10.61
CA GLU A 78 1.80 16.74 11.65
C GLU A 78 0.48 17.47 11.43
N PHE A 79 -0.12 17.29 10.26
CA PHE A 79 -1.42 17.89 9.95
C PHE A 79 -2.54 16.86 9.82
N SER A 80 -2.21 15.60 10.13
CA SER A 80 -3.17 14.51 9.94
C SER A 80 -3.85 14.14 11.25
N ALA A 81 -5.18 14.13 11.21
CA ALA A 81 -5.97 13.70 12.36
C ALA A 81 -5.81 12.21 12.65
N MET A 82 -5.70 11.41 11.59
CA MET A 82 -5.80 9.94 11.67
C MET A 82 -4.46 9.20 11.71
N ARG A 83 -3.38 9.84 11.25
CA ARG A 83 -2.13 9.12 10.98
C ARG A 83 -1.59 8.36 12.18
N GLU A 84 -1.52 9.02 13.33
CA GLU A 84 -0.88 8.42 14.50
C GLU A 84 -1.55 7.10 14.89
N GLN A 85 -2.86 7.10 14.96
CA GLN A 85 -3.57 5.91 15.40
C GLN A 85 -3.45 4.76 14.39
N TYR A 86 -3.54 5.07 13.09
CA TYR A 86 -3.36 4.04 12.06
C TYR A 86 -1.94 3.47 12.04
N MET A 87 -0.92 4.31 12.18
CA MET A 87 0.46 3.83 12.18
C MET A 87 0.69 2.89 13.35
N ARG A 88 0.19 3.29 14.51
CA ARG A 88 0.43 2.57 15.75
C ARG A 88 -0.35 1.25 15.81
N THR A 89 -1.62 1.30 15.39
CA THR A 89 -2.52 0.14 15.52
C THR A 89 -2.78 -0.63 14.22
N GLY A 90 -2.17 -0.20 13.11
CA GLY A 90 -2.34 -0.89 11.83
C GLY A 90 -1.89 -2.34 11.88
N ASP A 91 -2.59 -3.19 11.14
CA ASP A 91 -2.25 -4.60 11.06
C ASP A 91 -1.31 -4.92 9.90
N GLY A 92 -1.24 -4.04 8.91
CA GLY A 92 -0.37 -4.27 7.77
C GLY A 92 -0.24 -3.03 6.94
N PHE A 93 0.82 -2.98 6.13
CA PHE A 93 1.15 -1.81 5.33
C PHE A 93 1.40 -2.17 3.88
N LEU A 94 0.89 -1.33 2.99
CA LEU A 94 1.34 -1.31 1.60
C LEU A 94 2.35 -0.19 1.47
N ILE A 95 3.58 -0.54 1.07
CA ILE A 95 4.58 0.48 0.77
C ILE A 95 4.64 0.61 -0.74
N VAL A 96 4.15 1.75 -1.22
CA VAL A 96 3.98 1.96 -2.65
C VAL A 96 5.08 2.88 -3.17
N TYR A 97 5.68 2.51 -4.29
CA TYR A 97 6.49 3.43 -5.06
C TYR A 97 6.02 3.43 -6.50
N SER A 98 6.45 4.44 -7.26
CA SER A 98 6.17 4.49 -8.68
C SER A 98 7.40 4.07 -9.44
N VAL A 99 7.22 3.17 -10.40
CA VAL A 99 8.35 2.73 -11.22
C VAL A 99 8.93 3.84 -12.09
N THR A 100 8.23 4.96 -12.20
CA THR A 100 8.73 6.12 -12.95
C THR A 100 9.41 7.17 -12.06
N ASP A 101 9.49 6.90 -10.76
CA ASP A 101 10.04 7.85 -9.80
C ASP A 101 11.10 7.12 -8.97
N LYS A 102 12.35 7.22 -9.38
CA LYS A 102 13.44 6.52 -8.70
C LYS A 102 13.57 6.93 -7.23
N ALA A 103 13.38 8.22 -6.93
CA ALA A 103 13.43 8.68 -5.55
C ALA A 103 12.37 7.97 -4.70
N SER A 104 11.17 7.77 -5.25
CA SER A 104 10.10 7.09 -4.50
C SER A 104 10.49 5.65 -4.16
N PHE A 105 11.23 5.00 -5.06
CA PHE A 105 11.78 3.66 -4.84
C PHE A 105 12.83 3.70 -3.73
N GLU A 106 13.79 4.61 -3.84
CA GLU A 106 14.80 4.76 -2.79
C GLU A 106 14.16 4.97 -1.43
N HIS A 107 13.11 5.78 -1.42
CA HIS A 107 12.44 6.13 -0.16
C HIS A 107 11.66 5.01 0.49
N VAL A 108 11.45 3.90 -0.22
CA VAL A 108 10.87 2.73 0.41
C VAL A 108 11.62 2.40 1.70
N ASP A 109 12.95 2.55 1.70
CA ASP A 109 13.72 2.21 2.88
C ASP A 109 13.33 3.06 4.08
N ARG A 110 13.01 4.33 3.84
CA ARG A 110 12.53 5.24 4.89
C ARG A 110 11.24 4.73 5.52
N PHE A 111 10.30 4.32 4.66
CA PHE A 111 9.03 3.79 5.14
C PHE A 111 9.21 2.46 5.86
N HIS A 112 10.08 1.61 5.32
CA HIS A 112 10.36 0.33 5.95
C HIS A 112 10.91 0.52 7.37
N GLN A 113 11.90 1.40 7.51
CA GLN A 113 12.45 1.73 8.82
C GLN A 113 11.40 2.31 9.76
N LEU A 114 10.59 3.23 9.24
CA LEU A 114 9.57 3.89 10.05
C LEU A 114 8.57 2.87 10.62
N ILE A 115 8.09 1.97 9.78
CA ILE A 115 7.13 0.96 10.21
C ILE A 115 7.73 0.08 11.31
N LEU A 116 8.95 -0.39 11.10
CA LEU A 116 9.57 -1.26 12.11
C LEU A 116 9.85 -0.52 13.42
N ARG A 117 10.16 0.75 13.33
CA ARG A 117 10.35 1.58 14.52
C ARG A 117 9.04 1.78 15.29
N VAL A 118 7.98 2.15 14.58
CA VAL A 118 6.69 2.41 15.22
C VAL A 118 6.11 1.12 15.80
N LYS A 119 6.21 0.03 15.04
CA LYS A 119 5.69 -1.26 15.48
C LYS A 119 6.62 -1.95 16.48
N ASP A 120 7.89 -1.50 16.51
CA ASP A 120 8.87 -1.99 17.49
C ASP A 120 9.09 -3.50 17.36
N ARG A 121 9.18 -3.96 16.11
CA ARG A 121 9.42 -5.38 15.84
C ARG A 121 10.42 -5.53 14.69
N GLU A 122 11.00 -6.71 14.57
CA GLU A 122 12.02 -6.99 13.56
C GLU A 122 11.43 -7.15 12.16
N SER A 123 10.17 -7.54 12.11
CA SER A 123 9.42 -7.65 10.85
C SER A 123 7.97 -7.31 11.17
N PHE A 124 7.21 -6.97 10.13
CA PHE A 124 5.79 -6.66 10.29
C PHE A 124 5.11 -6.80 8.94
N PRO A 125 3.84 -7.29 8.92
CA PRO A 125 3.17 -7.47 7.63
C PRO A 125 3.19 -6.25 6.71
N MET A 126 3.76 -6.47 5.51
CA MET A 126 3.86 -5.42 4.50
C MET A 126 4.06 -6.03 3.14
N ILE A 127 3.64 -5.29 2.12
CA ILE A 127 3.90 -5.65 0.74
C ILE A 127 4.54 -4.47 0.03
N LEU A 128 5.55 -4.75 -0.79
CA LEU A 128 6.17 -3.77 -1.65
C LEU A 128 5.41 -3.70 -2.97
N VAL A 129 4.87 -2.52 -3.25
CA VAL A 129 4.00 -2.31 -4.39
C VAL A 129 4.68 -1.39 -5.39
N ALA A 130 4.99 -1.94 -6.56
CA ALA A 130 5.59 -1.17 -7.65
C ALA A 130 4.49 -0.75 -8.59
N ASN A 131 4.07 0.51 -8.49
CA ASN A 131 2.92 0.99 -9.24
C ASN A 131 3.33 1.70 -10.53
N LYS A 132 2.36 1.84 -11.43
CA LYS A 132 2.48 2.51 -12.73
C LYS A 132 3.21 1.67 -13.78
N VAL A 133 3.12 0.34 -13.69
CA VAL A 133 3.84 -0.51 -14.63
C VAL A 133 3.23 -0.51 -16.04
N ASP A 134 2.11 0.18 -16.22
CA ASP A 134 1.57 0.43 -17.56
C ASP A 134 2.46 1.40 -18.34
N LEU A 135 3.32 2.13 -17.64
CA LEU A 135 4.22 3.09 -18.27
C LEU A 135 5.54 2.43 -18.63
N MET A 136 5.93 2.56 -19.89
CA MET A 136 7.15 1.93 -20.39
C MET A 136 8.29 2.93 -20.53
N HIS A 137 8.11 3.92 -21.41
CA HIS A 137 9.14 4.91 -21.68
C HIS A 137 9.64 5.61 -20.40
N LEU A 138 8.72 5.94 -19.51
CA LEU A 138 9.07 6.69 -18.30
C LEU A 138 9.60 5.82 -17.16
N ARG A 139 9.62 4.51 -17.35
CA ARG A 139 10.03 3.61 -16.26
C ARG A 139 11.52 3.76 -15.96
N LYS A 140 11.83 3.93 -14.67
CA LYS A 140 13.19 4.15 -14.19
C LYS A 140 13.67 3.08 -13.22
N VAL A 141 12.74 2.28 -12.70
CA VAL A 141 13.08 1.24 -11.74
C VAL A 141 12.68 -0.08 -12.38
N THR A 142 13.64 -0.99 -12.55
CA THR A 142 13.35 -2.25 -13.22
C THR A 142 12.63 -3.21 -12.29
N ARG A 143 11.97 -4.20 -12.87
CA ARG A 143 11.33 -5.25 -12.11
C ARG A 143 12.33 -5.91 -11.15
N ASP A 144 13.52 -6.22 -11.67
CA ASP A 144 14.53 -6.90 -10.86
C ASP A 144 15.02 -6.06 -9.68
N GLN A 145 15.10 -4.74 -9.87
CA GLN A 145 15.47 -3.85 -8.77
C GLN A 145 14.43 -3.92 -7.65
N GLY A 146 13.15 -3.93 -8.05
CA GLY A 146 12.05 -4.05 -7.09
C GLY A 146 12.06 -5.38 -6.37
N LYS A 147 12.20 -6.46 -7.14
CA LYS A 147 12.18 -7.79 -6.56
C LYS A 147 13.36 -8.02 -5.61
N GLU A 148 14.55 -7.50 -5.95
CA GLU A 148 15.69 -7.62 -5.06
C GLU A 148 15.50 -6.87 -3.74
N MET A 149 14.93 -5.67 -3.83
CA MET A 149 14.60 -4.90 -2.64
C MET A 149 13.64 -5.70 -1.73
N ALA A 150 12.60 -6.27 -2.33
CA ALA A 150 11.64 -7.09 -1.58
C ALA A 150 12.32 -8.30 -0.94
N THR A 151 13.24 -8.92 -1.69
CA THR A 151 14.02 -10.05 -1.16
C THR A 151 14.85 -9.62 0.04
N LYS A 152 15.49 -8.45 -0.04
CA LYS A 152 16.28 -7.91 1.06
C LYS A 152 15.43 -7.78 2.34
N TYR A 153 14.22 -7.24 2.19
CA TYR A 153 13.32 -7.06 3.32
C TYR A 153 12.54 -8.32 3.69
N ASN A 154 12.65 -9.35 2.85
CA ASN A 154 11.88 -10.59 3.02
C ASN A 154 10.38 -10.34 3.01
N ILE A 155 9.91 -9.55 2.04
CA ILE A 155 8.50 -9.24 1.91
C ILE A 155 8.07 -9.48 0.46
N PRO A 156 6.76 -9.69 0.23
CA PRO A 156 6.30 -9.86 -1.15
C PRO A 156 6.48 -8.61 -2.01
N TYR A 157 6.64 -8.86 -3.31
CA TYR A 157 6.75 -7.82 -4.32
C TYR A 157 5.59 -8.00 -5.30
N ILE A 158 4.87 -6.92 -5.59
CA ILE A 158 3.80 -6.99 -6.59
C ILE A 158 3.83 -5.73 -7.45
N GLU A 159 3.57 -5.92 -8.74
CA GLU A 159 3.46 -4.81 -9.68
C GLU A 159 2.01 -4.50 -9.96
N THR A 160 1.69 -3.21 -9.99
CA THR A 160 0.33 -2.76 -10.14
C THR A 160 0.19 -1.64 -11.15
N SER A 161 -1.05 -1.47 -11.61
CA SER A 161 -1.45 -0.28 -12.32
C SER A 161 -2.88 0.05 -11.90
N ALA A 162 -3.08 1.29 -11.49
CA ALA A 162 -4.41 1.77 -11.12
C ALA A 162 -5.18 2.26 -12.34
N LYS A 163 -4.47 2.54 -13.43
CA LYS A 163 -5.07 2.99 -14.68
C LYS A 163 -5.89 1.86 -15.30
N ASP A 164 -7.02 2.19 -15.92
CA ASP A 164 -7.87 1.18 -16.57
C ASP A 164 -7.16 0.59 -17.80
N PRO A 165 -7.21 -0.74 -17.97
CA PRO A 165 -7.75 -1.72 -17.03
C PRO A 165 -6.74 -2.01 -15.92
N PRO A 166 -7.21 -2.00 -14.65
CA PRO A 166 -6.26 -2.09 -13.55
C PRO A 166 -5.56 -3.44 -13.48
N LEU A 167 -4.34 -3.43 -12.94
CA LEU A 167 -3.54 -4.62 -12.78
C LEU A 167 -3.23 -4.84 -11.31
N ASN A 168 -3.65 -6.00 -10.80
CA ASN A 168 -3.28 -6.49 -9.47
C ASN A 168 -3.76 -5.64 -8.30
N VAL A 169 -4.79 -4.82 -8.50
CA VAL A 169 -5.25 -3.95 -7.43
C VAL A 169 -5.93 -4.77 -6.32
N ASP A 170 -6.95 -5.55 -6.68
CA ASP A 170 -7.59 -6.44 -5.71
C ASP A 170 -6.58 -7.39 -5.10
N LYS A 171 -5.71 -7.96 -5.94
CA LYS A 171 -4.72 -8.92 -5.45
C LYS A 171 -3.79 -8.31 -4.40
N THR A 172 -3.40 -7.05 -4.58
CA THR A 172 -2.49 -6.39 -3.65
C THR A 172 -3.10 -6.31 -2.25
N PHE A 173 -4.33 -5.80 -2.17
CA PHE A 173 -4.99 -5.68 -0.88
C PHE A 173 -5.25 -7.05 -0.27
N HIS A 174 -5.71 -7.99 -1.09
CA HIS A 174 -5.94 -9.34 -0.61
C HIS A 174 -4.65 -10.01 -0.13
N ASP A 175 -3.55 -9.79 -0.85
CA ASP A 175 -2.27 -10.39 -0.47
C ASP A 175 -1.78 -9.86 0.88
N LEU A 176 -2.05 -8.58 1.17
CA LEU A 176 -1.68 -8.05 2.48
C LEU A 176 -2.46 -8.75 3.59
N VAL A 177 -3.76 -8.94 3.37
CA VAL A 177 -4.57 -9.72 4.31
C VAL A 177 -4.02 -11.14 4.47
N ARG A 178 -3.61 -11.76 3.36
CA ARG A 178 -3.02 -13.10 3.40
C ARG A 178 -1.74 -13.13 4.25
N VAL A 179 -0.89 -12.13 4.07
CA VAL A 179 0.32 -12.01 4.90
C VAL A 179 -0.06 -11.92 6.39
N ILE A 180 -1.03 -11.07 6.70
CA ILE A 180 -1.48 -10.92 8.08
C ILE A 180 -1.96 -12.26 8.64
N ARG A 181 -2.78 -12.97 7.86
CA ARG A 181 -3.31 -14.27 8.28
C ARG A 181 -2.24 -15.35 8.45
N GLN A 182 -1.16 -15.25 7.68
CA GLN A 182 -0.12 -16.28 7.64
C GLN A 182 1.00 -16.08 8.65
N GLN A 183 1.05 -14.91 9.29
CA GLN A 183 2.22 -14.52 10.09
C GLN A 183 2.45 -15.41 11.32
#